data_4KB4
#
_entry.id   4KB4
#
_cell.length_a   95.200
_cell.length_b   40.450
_cell.length_c   68.540
_cell.angle_alpha   90.00
_cell.angle_beta   118.41
_cell.angle_gamma   90.00
#
_symmetry.space_group_name_H-M   'C 1 2 1'
#
loop_
_entity.id
_entity.type
_entity.pdbx_description
1 polymer 'Ribosome-recycling factor'
2 non-polymer 'CADMIUM ION'
3 water water
#
_entity_poly.entity_id   1
_entity_poly.type   'polypeptide(L)'
_entity_poly.pdbx_seq_one_letter_code
;MIDEALFDAEEKMEKAVAVARDDLSTIRTGAANPGMFSRITIDYYGAATPITQLASINVPEARLVVIKPYEANQLRAIET
AIRNSDLGVNPTNDGALIRVAVPQLTEERRRELVKQAKHKGEEAKVSVRNIRRKAMEELHRIRKEGEAGEDEVGRAEKDL
DKTTHQYVTQIDELVKHKEGELLEV
;
_entity_poly.pdbx_strand_id   A
#
loop_
_chem_comp.id
_chem_comp.type
_chem_comp.name
_chem_comp.formula
CD non-polymer 'CADMIUM ION' 'Cd 2'
#
# COMPACT_ATOMS: atom_id res chain seq x y z
N ILE A 2 9.43 3.45 28.21
CA ILE A 2 9.94 2.05 28.01
C ILE A 2 8.85 1.20 27.38
N ASP A 3 7.78 1.05 28.15
CA ASP A 3 6.54 0.51 27.66
C ASP A 3 5.92 1.43 26.65
N GLU A 4 6.05 2.74 26.88
CA GLU A 4 5.52 3.71 25.93
C GLU A 4 6.19 3.59 24.55
N ALA A 5 7.53 3.45 24.53
CA ALA A 5 8.26 3.28 23.31
C ALA A 5 7.76 2.08 22.48
N LEU A 6 7.42 1.00 23.17
CA LEU A 6 6.97 -0.21 22.55
C LEU A 6 5.54 -0.09 22.03
N PHE A 7 4.64 0.48 22.84
CA PHE A 7 3.29 0.71 22.43
C PHE A 7 3.22 1.54 21.15
N ASP A 8 3.89 2.66 21.19
CA ASP A 8 4.05 3.49 20.07
C ASP A 8 4.60 2.85 18.78
N ALA A 9 5.69 2.10 18.95
CA ALA A 9 6.26 1.38 17.86
C ALA A 9 5.19 0.43 17.29
N GLU A 10 4.59 -0.36 18.18
CA GLU A 10 3.56 -1.31 17.79
C GLU A 10 2.44 -0.62 17.01
N GLU A 11 2.06 0.56 17.47
CA GLU A 11 1.01 1.33 16.81
C GLU A 11 1.43 1.75 15.40
N LYS A 12 2.67 2.21 15.28
CA LYS A 12 3.20 2.65 13.99
C LYS A 12 3.32 1.48 13.02
N MET A 13 3.64 0.30 13.55
CA MET A 13 3.78 -0.90 12.74
C MET A 13 2.48 -1.47 12.16
N GLU A 14 1.39 -1.46 12.91
CA GLU A 14 0.15 -1.93 12.35
C GLU A 14 -0.36 -1.03 11.23
N LYS A 15 0.00 0.24 11.28
CA LYS A 15 -0.36 1.21 10.30
C LYS A 15 0.41 0.90 9.05
N ALA A 16 1.68 0.54 9.21
CA ALA A 16 2.47 0.08 8.08
C ALA A 16 1.88 -1.20 7.43
N VAL A 17 1.47 -2.15 8.26
CA VAL A 17 0.81 -3.36 7.74
C VAL A 17 -0.45 -2.99 6.96
N ALA A 18 -1.23 -2.01 7.46
CA ALA A 18 -2.46 -1.65 6.80
C ALA A 18 -2.17 -0.95 5.50
N VAL A 19 -1.06 -0.24 5.38
CA VAL A 19 -0.66 0.31 4.08
C VAL A 19 -0.35 -0.84 3.11
N ALA A 20 0.39 -1.84 3.57
CA ALA A 20 0.71 -2.99 2.72
C ALA A 20 -0.56 -3.64 2.14
N ARG A 21 -1.51 -3.85 3.05
CA ARG A 21 -2.80 -4.45 2.82
C ARG A 21 -3.53 -3.70 1.71
N ASP A 22 -3.68 -2.38 1.88
CA ASP A 22 -4.31 -1.54 0.90
C ASP A 22 -3.55 -1.51 -0.43
N ASP A 23 -2.24 -1.39 -0.34
CA ASP A 23 -1.40 -1.39 -1.52
C ASP A 23 -1.62 -2.68 -2.32
N LEU A 24 -1.56 -3.80 -1.61
CA LEU A 24 -1.76 -5.10 -2.22
C LEU A 24 -3.13 -5.25 -2.84
N SER A 25 -4.12 -4.54 -2.31
CA SER A 25 -5.50 -4.74 -2.77
C SER A 25 -5.77 -4.08 -4.15
N THR A 26 -4.84 -3.26 -4.60
CA THR A 26 -4.90 -2.62 -5.89
C THR A 26 -4.42 -3.56 -6.98
N ILE A 27 -3.72 -4.64 -6.60
CA ILE A 27 -3.27 -5.65 -7.56
C ILE A 27 -4.44 -6.56 -7.96
N ARG A 28 -5.00 -6.30 -9.14
CA ARG A 28 -6.07 -7.13 -9.77
C ARG A 28 -5.62 -8.56 -9.96
N THR A 29 -6.57 -9.47 -9.89
CA THR A 29 -6.32 -10.93 -10.04
C THR A 29 -7.45 -11.55 -10.87
N GLY A 30 -8.37 -10.69 -11.31
CA GLY A 30 -9.60 -11.13 -11.89
C GLY A 30 -10.20 -9.91 -12.55
N ALA A 31 -11.13 -9.26 -11.87
CA ALA A 31 -11.95 -8.22 -12.48
C ALA A 31 -11.78 -6.86 -11.77
N ALA A 32 -12.44 -5.84 -12.32
CA ALA A 32 -12.39 -4.46 -11.82
C ALA A 32 -12.72 -4.23 -10.33
N ASN A 33 -12.37 -3.05 -9.83
CA ASN A 33 -12.79 -2.57 -8.51
C ASN A 33 -12.61 -1.04 -8.42
N PRO A 34 -13.56 -0.32 -7.75
CA PRO A 34 -13.37 1.14 -7.57
C PRO A 34 -12.11 1.53 -6.74
N GLY A 35 -11.65 0.63 -5.87
CA GLY A 35 -10.42 0.83 -5.09
C GLY A 35 -9.12 0.42 -5.77
N MET A 36 -9.20 -0.14 -6.98
CA MET A 36 -8.01 -0.40 -7.81
C MET A 36 -7.26 0.90 -8.08
N PHE A 37 -7.94 2.00 -7.88
CA PHE A 37 -7.46 3.33 -8.22
C PHE A 37 -7.44 4.15 -6.97
N SER A 38 -7.35 3.52 -5.82
CA SER A 38 -7.51 4.27 -4.59
C SER A 38 -6.23 4.95 -4.20
N ARG A 39 -5.17 4.52 -4.84
CA ARG A 39 -3.81 4.92 -4.53
C ARG A 39 -3.29 5.92 -5.54
N ILE A 40 -4.02 6.09 -6.63
CA ILE A 40 -3.62 6.97 -7.71
C ILE A 40 -3.88 8.45 -7.32
N THR A 41 -2.85 9.28 -7.43
CA THR A 41 -2.96 10.72 -7.10
C THR A 41 -2.42 11.59 -8.19
N ILE A 42 -2.91 12.81 -8.25
CA ILE A 42 -2.23 13.86 -9.02
C ILE A 42 -1.96 15.10 -8.17
N ASP A 43 -1.11 15.96 -8.71
CA ASP A 43 -0.86 17.29 -8.18
C ASP A 43 -2.11 18.11 -8.43
N TYR A 44 -2.83 18.48 -7.37
CA TYR A 44 -4.04 19.29 -7.55
C TYR A 44 -3.83 20.56 -6.75
N TYR A 45 -3.47 21.63 -7.45
CA TYR A 45 -3.14 22.95 -6.84
C TYR A 45 -2.13 22.77 -5.68
N GLY A 46 -1.02 22.05 -5.93
CA GLY A 46 0.09 21.93 -4.97
C GLY A 46 -0.05 20.79 -3.98
N ALA A 47 -1.18 20.08 -4.03
CA ALA A 47 -1.45 18.96 -3.12
C ALA A 47 -1.60 17.63 -3.87
N ALA A 48 -1.01 16.57 -3.33
CA ALA A 48 -1.15 15.21 -3.85
C ALA A 48 -2.55 14.68 -3.58
N THR A 49 -3.40 14.64 -4.60
CA THR A 49 -4.82 14.42 -4.35
C THR A 49 -5.28 13.13 -5.05
N PRO A 50 -5.90 12.20 -4.29
CA PRO A 50 -6.39 10.98 -4.95
C PRO A 50 -7.44 11.27 -6.01
N ILE A 51 -7.36 10.58 -7.14
CA ILE A 51 -8.27 10.84 -8.23
C ILE A 51 -9.75 10.54 -7.93
N THR A 52 -10.00 9.88 -6.79
CA THR A 52 -11.35 9.53 -6.30
C THR A 52 -12.07 10.74 -5.69
N GLN A 53 -11.29 11.74 -5.28
CA GLN A 53 -11.78 13.07 -4.85
C GLN A 53 -12.17 14.00 -6.03
N LEU A 54 -11.64 13.70 -7.21
CA LEU A 54 -11.76 14.52 -8.42
C LEU A 54 -12.57 13.85 -9.53
N ALA A 55 -13.12 12.67 -9.23
CA ALA A 55 -13.89 11.91 -10.21
C ALA A 55 -14.82 10.95 -9.50
N SER A 56 -16.07 10.84 -9.97
CA SER A 56 -16.93 9.74 -9.55
C SER A 56 -16.30 8.47 -10.12
N ILE A 57 -16.31 7.38 -9.34
CA ILE A 57 -15.69 6.10 -9.74
C ILE A 57 -16.74 4.98 -9.77
N ASN A 58 -17.28 4.72 -10.96
CA ASN A 58 -18.40 3.80 -11.07
C ASN A 58 -18.07 2.56 -11.91
N VAL A 59 -18.53 1.40 -11.44
CA VAL A 59 -18.30 0.10 -12.07
C VAL A 59 -19.63 -0.42 -12.67
N PRO A 60 -19.79 -0.36 -14.01
CA PRO A 60 -20.99 -0.91 -14.65
C PRO A 60 -20.89 -2.42 -14.95
N GLU A 61 -19.87 -2.79 -15.73
CA GLU A 61 -19.55 -4.20 -15.98
C GLU A 61 -18.69 -4.73 -14.84
N ALA A 62 -18.41 -6.03 -14.89
CA ALA A 62 -17.46 -6.65 -14.00
C ALA A 62 -16.02 -6.29 -14.38
N ARG A 63 -15.78 -6.01 -15.66
CA ARG A 63 -14.45 -5.69 -16.17
C ARG A 63 -14.17 -4.19 -16.35
N LEU A 64 -15.22 -3.38 -16.43
CA LEU A 64 -15.06 -1.95 -16.76
C LEU A 64 -15.21 -1.06 -15.52
N VAL A 65 -14.44 0.03 -15.48
CA VAL A 65 -14.71 1.14 -14.55
C VAL A 65 -14.94 2.43 -15.34
N VAL A 66 -15.82 3.27 -14.80
CA VAL A 66 -16.15 4.58 -15.35
C VAL A 66 -15.58 5.61 -14.40
N ILE A 67 -14.67 6.43 -14.91
CA ILE A 67 -14.12 7.56 -14.15
C ILE A 67 -14.59 8.83 -14.83
N LYS A 68 -15.38 9.59 -14.09
CA LYS A 68 -16.07 10.75 -14.61
C LYS A 68 -15.49 11.98 -13.86
N PRO A 69 -14.47 12.64 -14.44
CA PRO A 69 -13.94 13.84 -13.74
C PRO A 69 -15.03 14.85 -13.48
N TYR A 70 -15.00 15.47 -12.30
CA TYR A 70 -15.90 16.59 -12.00
C TYR A 70 -15.54 17.83 -12.83
N GLU A 71 -14.27 17.96 -13.18
CA GLU A 71 -13.76 19.10 -13.95
C GLU A 71 -13.13 18.60 -15.25
N ALA A 72 -13.80 18.87 -16.38
CA ALA A 72 -13.33 18.40 -17.68
C ALA A 72 -11.87 18.69 -17.94
N ASN A 73 -11.39 19.82 -17.39
CA ASN A 73 -10.00 20.23 -17.57
C ASN A 73 -9.00 19.31 -16.87
N GLN A 74 -9.48 18.58 -15.87
CA GLN A 74 -8.65 17.65 -15.07
C GLN A 74 -8.54 16.23 -15.72
N LEU A 75 -9.32 15.97 -16.74
CA LEU A 75 -9.38 14.65 -17.33
C LEU A 75 -8.01 14.15 -17.80
N ARG A 76 -7.31 14.95 -18.55
CA ARG A 76 -6.08 14.47 -19.02
C ARG A 76 -5.07 14.13 -17.91
N ALA A 77 -4.80 15.04 -16.98
CA ALA A 77 -3.98 14.76 -15.82
C ALA A 77 -4.41 13.45 -15.14
N ILE A 78 -5.68 13.31 -14.83
CA ILE A 78 -6.24 12.08 -14.27
C ILE A 78 -5.93 10.88 -15.14
N GLU A 79 -6.24 11.01 -16.42
CA GLU A 79 -5.97 9.90 -17.35
C GLU A 79 -4.48 9.56 -17.35
N THR A 80 -3.62 10.58 -17.39
CA THR A 80 -2.17 10.36 -17.39
C THR A 80 -1.69 9.66 -16.11
N ALA A 81 -2.28 9.96 -14.96
CA ALA A 81 -1.87 9.27 -13.73
C ALA A 81 -2.25 7.77 -13.75
N ILE A 82 -3.35 7.44 -14.40
CA ILE A 82 -3.75 6.05 -14.53
C ILE A 82 -2.74 5.27 -15.38
N ARG A 83 -2.29 5.88 -16.46
CA ARG A 83 -1.36 5.25 -17.40
C ARG A 83 0.04 5.10 -16.83
N ASN A 84 0.45 6.07 -16.01
CA ASN A 84 1.75 5.98 -15.36
C ASN A 84 1.73 5.08 -14.15
N SER A 85 0.57 4.60 -13.75
CA SER A 85 0.49 3.75 -12.56
C SER A 85 1.06 2.34 -12.82
N ASP A 86 1.06 1.52 -11.78
CA ASP A 86 1.51 0.14 -11.90
C ASP A 86 0.41 -0.81 -12.37
N LEU A 87 -0.71 -0.24 -12.81
CA LEU A 87 -1.86 -1.04 -13.18
C LEU A 87 -1.67 -1.69 -14.56
N GLY A 88 -0.65 -1.26 -15.29
CA GLY A 88 -0.34 -1.85 -16.59
C GLY A 88 -1.51 -1.88 -17.54
N VAL A 89 -2.45 -0.96 -17.35
CA VAL A 89 -3.60 -0.85 -18.23
C VAL A 89 -3.50 0.48 -18.97
N ASN A 90 -4.26 0.60 -20.05
CA ASN A 90 -4.33 1.81 -20.86
C ASN A 90 -5.76 2.34 -21.07
N PRO A 91 -6.10 3.45 -20.40
CA PRO A 91 -7.44 4.02 -20.51
C PRO A 91 -7.76 4.72 -21.85
N THR A 92 -9.04 4.93 -22.11
CA THR A 92 -9.49 5.82 -23.18
C THR A 92 -10.31 6.96 -22.59
N ASN A 93 -10.68 7.91 -23.44
CA ASN A 93 -11.71 8.91 -23.09
C ASN A 93 -12.49 9.47 -24.26
N ASP A 94 -13.73 9.84 -23.96
CA ASP A 94 -14.64 10.45 -24.94
C ASP A 94 -14.85 11.94 -24.64
N GLY A 95 -13.89 12.56 -23.96
CA GLY A 95 -13.94 13.98 -23.65
C GLY A 95 -14.55 14.32 -22.29
N ALA A 96 -15.29 13.37 -21.73
CA ALA A 96 -15.94 13.56 -20.44
C ALA A 96 -16.32 12.23 -19.81
N LEU A 97 -15.33 11.50 -19.33
CA LEU A 97 -15.56 10.15 -18.85
C LEU A 97 -14.34 9.35 -19.23
N ILE A 98 -13.85 8.55 -18.29
CA ILE A 98 -12.64 7.79 -18.46
C ILE A 98 -12.97 6.32 -18.27
N ARG A 99 -12.78 5.53 -19.32
CA ARG A 99 -13.24 4.15 -19.31
C ARG A 99 -12.03 3.25 -19.27
N VAL A 100 -12.01 2.25 -18.43
CA VAL A 100 -10.82 1.43 -18.44
C VAL A 100 -11.09 -0.03 -18.26
N ALA A 101 -10.78 -0.81 -19.31
CA ALA A 101 -11.05 -2.23 -19.32
C ALA A 101 -9.75 -3.01 -18.99
N VAL A 102 -9.82 -3.84 -17.97
CA VAL A 102 -8.69 -4.68 -17.58
C VAL A 102 -8.47 -5.71 -18.69
N PRO A 103 -7.20 -6.00 -19.01
CA PRO A 103 -6.88 -7.03 -20.03
C PRO A 103 -7.34 -8.42 -19.55
N GLN A 104 -7.48 -9.37 -20.49
CA GLN A 104 -8.02 -10.72 -20.20
C GLN A 104 -7.20 -11.53 -19.18
N LEU A 105 -6.27 -10.85 -18.52
CA LEU A 105 -5.26 -11.41 -17.62
C LEU A 105 -3.97 -11.68 -18.40
N THR A 106 -3.60 -12.95 -18.64
CA THR A 106 -2.34 -13.29 -19.31
C THR A 106 -1.34 -13.83 -18.32
N GLU A 107 -0.63 -14.86 -18.73
CA GLU A 107 0.29 -15.59 -17.86
C GLU A 107 1.60 -14.75 -17.65
N GLU A 108 2.00 -14.02 -18.68
CA GLU A 108 3.05 -13.01 -18.56
C GLU A 108 2.63 -11.90 -17.55
N ARG A 109 1.33 -11.62 -17.51
CA ARG A 109 0.85 -10.58 -16.65
C ARG A 109 0.89 -11.06 -15.21
N ARG A 110 0.49 -12.32 -15.02
CA ARG A 110 0.53 -12.98 -13.71
C ARG A 110 1.86 -12.87 -13.02
N ARG A 111 2.91 -13.19 -13.79
CA ARG A 111 4.25 -13.21 -13.24
C ARG A 111 4.67 -11.83 -12.77
N GLU A 112 4.29 -10.82 -13.54
CA GLU A 112 4.56 -9.43 -13.17
C GLU A 112 3.81 -9.02 -11.89
N LEU A 113 2.53 -9.36 -11.83
CA LEU A 113 1.70 -9.10 -10.64
C LEU A 113 2.30 -9.74 -9.39
N VAL A 114 2.61 -11.02 -9.47
CA VAL A 114 3.28 -11.70 -8.38
C VAL A 114 4.52 -10.95 -7.92
N LYS A 115 5.31 -10.48 -8.89
CA LYS A 115 6.52 -9.76 -8.61
C LYS A 115 6.17 -8.43 -7.95
N GLN A 116 5.14 -7.75 -8.43
CA GLN A 116 4.68 -6.51 -7.82
C GLN A 116 4.29 -6.73 -6.36
N ALA A 117 3.62 -7.86 -6.10
CA ALA A 117 3.14 -8.22 -4.77
C ALA A 117 4.32 -8.32 -3.82
N LYS A 118 5.34 -9.12 -4.21
CA LYS A 118 6.50 -9.33 -3.34
C LYS A 118 7.14 -7.98 -3.06
N HIS A 119 7.34 -7.18 -4.10
CA HIS A 119 7.93 -5.85 -3.94
C HIS A 119 7.20 -4.92 -2.94
N LYS A 120 5.89 -4.78 -3.08
CA LYS A 120 5.11 -3.99 -2.15
C LYS A 120 5.23 -4.45 -0.69
N GLY A 121 5.37 -5.76 -0.47
CA GLY A 121 5.64 -6.33 0.85
C GLY A 121 6.97 -5.89 1.39
N GLU A 122 8.00 -5.97 0.55
CA GLU A 122 9.34 -5.54 0.95
C GLU A 122 9.39 -4.06 1.28
N GLU A 123 8.65 -3.22 0.55
CA GLU A 123 8.55 -1.78 0.90
C GLU A 123 7.98 -1.63 2.30
N ALA A 124 6.93 -2.40 2.59
CA ALA A 124 6.22 -2.31 3.87
C ALA A 124 7.12 -2.81 5.01
N LYS A 125 7.97 -3.76 4.68
CA LYS A 125 8.96 -4.28 5.61
C LYS A 125 10.06 -3.28 5.92
N VAL A 126 10.46 -2.52 4.91
CA VAL A 126 11.45 -1.46 5.11
C VAL A 126 10.83 -0.51 6.17
N SER A 127 9.57 -0.12 5.95
CA SER A 127 8.95 0.85 6.84
C SER A 127 8.89 0.35 8.28
N VAL A 128 8.49 -0.92 8.43
CA VAL A 128 8.36 -1.59 9.74
C VAL A 128 9.75 -1.65 10.42
N ARG A 129 10.75 -2.02 9.65
CA ARG A 129 12.11 -2.05 10.12
C ARG A 129 12.62 -0.66 10.53
N ASN A 130 12.24 0.38 9.81
CA ASN A 130 12.64 1.73 10.18
C ASN A 130 12.01 2.15 11.52
N ILE A 131 10.80 1.67 11.77
CA ILE A 131 10.08 1.97 13.02
C ILE A 131 10.80 1.30 14.20
N ARG A 132 11.20 0.05 14.00
CA ARG A 132 12.05 -0.61 14.94
C ARG A 132 13.29 0.21 15.23
N ARG A 133 14.01 0.65 14.21
CA ARG A 133 15.28 1.36 14.40
C ARG A 133 15.07 2.58 15.29
N LYS A 134 14.06 3.37 14.96
CA LYS A 134 13.73 4.56 15.73
C LYS A 134 13.40 4.25 17.17
N ALA A 135 12.59 3.22 17.37
CA ALA A 135 12.24 2.79 18.73
C ALA A 135 13.45 2.23 19.49
N MET A 136 14.33 1.52 18.78
CA MET A 136 15.54 1.03 19.39
C MET A 136 16.45 2.19 19.82
N GLU A 137 16.51 3.26 19.02
CA GLU A 137 17.29 4.43 19.39
C GLU A 137 16.79 5.08 20.68
N GLU A 138 15.49 5.08 20.86
CA GLU A 138 14.86 5.60 22.09
C GLU A 138 15.14 4.70 23.30
N LEU A 139 15.24 3.37 23.10
CA LEU A 139 15.63 2.50 24.21
C LEU A 139 17.09 2.71 24.55
N HIS A 140 17.92 2.93 23.55
CA HIS A 140 19.34 3.21 23.78
C HIS A 140 19.54 4.51 24.57
N ARG A 141 18.64 5.47 24.35
CA ARG A 141 18.69 6.75 25.05
C ARG A 141 18.24 6.55 26.48
N ILE A 142 17.06 5.96 26.65
CA ILE A 142 16.58 5.61 27.96
C ILE A 142 17.68 5.01 28.82
N ARG A 143 18.45 4.09 28.23
CA ARG A 143 19.49 3.38 28.95
C ARG A 143 20.60 4.38 29.27
N LYS A 144 21.01 5.16 28.29
CA LYS A 144 22.07 6.16 28.49
C LYS A 144 21.71 7.19 29.60
N GLU A 145 20.49 7.73 29.57
CA GLU A 145 20.05 8.72 30.56
C GLU A 145 19.76 8.14 31.94
N GLY A 146 19.97 6.84 32.16
CA GLY A 146 19.59 6.25 33.46
C GLY A 146 18.08 6.20 33.76
N GLU A 147 17.22 6.23 32.74
CA GLU A 147 15.77 6.29 32.98
C GLU A 147 15.07 4.98 33.31
N ALA A 148 15.75 3.87 33.07
CA ALA A 148 15.27 2.56 33.47
C ALA A 148 16.50 1.67 33.61
N GLY A 149 16.36 0.58 34.35
CA GLY A 149 17.48 -0.29 34.66
C GLY A 149 17.86 -1.11 33.43
N GLU A 150 19.11 -1.53 33.36
CA GLU A 150 19.60 -2.19 32.13
C GLU A 150 18.86 -3.46 31.78
N ASP A 151 18.33 -4.14 32.80
CA ASP A 151 17.66 -5.41 32.63
C ASP A 151 16.35 -5.11 31.96
N GLU A 152 15.64 -4.10 32.47
CA GLU A 152 14.37 -3.64 31.94
C GLU A 152 14.51 -3.24 30.46
N VAL A 153 15.56 -2.45 30.16
CA VAL A 153 15.81 -2.04 28.79
C VAL A 153 16.21 -3.27 27.94
N GLY A 154 16.97 -4.19 28.53
CA GLY A 154 17.33 -5.47 27.87
C GLY A 154 16.09 -6.24 27.38
N ARG A 155 15.14 -6.46 28.31
CA ARG A 155 13.85 -7.11 28.03
C ARG A 155 13.04 -6.38 26.95
N ALA A 156 13.01 -5.06 27.01
CA ALA A 156 12.33 -4.25 26.00
C ALA A 156 12.96 -4.40 24.61
N GLU A 157 14.28 -4.54 24.52
CA GLU A 157 14.92 -4.74 23.21
C GLU A 157 14.51 -6.08 22.56
N LYS A 158 14.48 -7.14 23.35
CA LYS A 158 13.91 -8.42 22.95
C LYS A 158 12.44 -8.29 22.55
N ASP A 159 11.65 -7.60 23.37
CA ASP A 159 10.20 -7.45 23.07
C ASP A 159 9.99 -6.67 21.81
N LEU A 160 10.77 -5.62 21.63
CA LEU A 160 10.72 -4.87 20.39
C LEU A 160 10.98 -5.71 19.12
N ASP A 161 11.96 -6.59 19.19
CA ASP A 161 12.33 -7.41 18.05
C ASP A 161 11.27 -8.48 17.84
N LYS A 162 10.78 -9.06 18.93
CA LYS A 162 9.65 -10.00 18.89
C LYS A 162 8.42 -9.42 18.19
N THR A 163 8.03 -8.23 18.60
CA THR A 163 6.95 -7.54 17.96
C THR A 163 7.18 -7.20 16.49
N THR A 164 8.36 -6.65 16.21
CA THR A 164 8.72 -6.34 14.84
C THR A 164 8.48 -7.56 13.97
N HIS A 165 8.97 -8.72 14.43
CA HIS A 165 8.86 -9.94 13.65
C HIS A 165 7.40 -10.37 13.38
N GLN A 166 6.54 -10.20 14.38
CA GLN A 166 5.11 -10.40 14.24
C GLN A 166 4.45 -9.63 13.09
N TYR A 167 4.79 -8.35 12.93
CA TYR A 167 4.29 -7.50 11.84
C TYR A 167 4.95 -7.79 10.53
N VAL A 168 6.21 -8.15 10.53
CA VAL A 168 6.87 -8.54 9.26
C VAL A 168 6.19 -9.80 8.74
N THR A 169 5.95 -10.74 9.63
CA THR A 169 5.23 -11.95 9.32
C THR A 169 3.80 -11.70 8.85
N GLN A 170 3.05 -10.81 9.48
CA GLN A 170 1.75 -10.45 8.95
C GLN A 170 1.90 -10.04 7.48
N ILE A 171 2.98 -9.33 7.18
CA ILE A 171 3.17 -8.79 5.82
C ILE A 171 3.42 -9.97 4.85
N ASP A 172 4.32 -10.88 5.24
CA ASP A 172 4.54 -12.10 4.54
C ASP A 172 3.22 -12.85 4.25
N GLU A 173 2.31 -12.94 5.23
CA GLU A 173 1.06 -13.65 5.00
C GLU A 173 0.20 -12.93 3.96
N LEU A 174 0.18 -11.60 4.02
CA LEU A 174 -0.57 -10.81 3.06
C LEU A 174 -0.07 -11.02 1.65
N VAL A 175 1.24 -11.04 1.53
CA VAL A 175 1.87 -11.27 0.22
C VAL A 175 1.53 -12.71 -0.24
N LYS A 176 1.80 -13.67 0.63
CA LYS A 176 1.41 -15.05 0.39
C LYS A 176 -0.04 -15.23 -0.14
N HIS A 177 -1.02 -14.60 0.49
CA HIS A 177 -2.44 -14.74 0.10
C HIS A 177 -2.69 -14.18 -1.32
N LYS A 178 -1.97 -13.12 -1.62
CA LYS A 178 -2.13 -12.39 -2.84
C LYS A 178 -1.59 -13.20 -3.99
N GLU A 179 -0.39 -13.75 -3.84
CA GLU A 179 0.16 -14.58 -4.92
C GLU A 179 -0.72 -15.83 -5.16
N GLY A 180 -1.16 -16.45 -4.08
CA GLY A 180 -2.12 -17.52 -4.19
C GLY A 180 -3.28 -17.15 -5.07
N GLU A 181 -3.89 -16.03 -4.72
CA GLU A 181 -5.09 -15.59 -5.39
C GLU A 181 -4.80 -15.35 -6.84
N LEU A 182 -3.65 -14.77 -7.16
CA LEU A 182 -3.46 -14.46 -8.60
C LEU A 182 -2.90 -15.63 -9.47
N LEU A 183 -2.63 -16.77 -8.83
CA LEU A 183 -2.22 -18.00 -9.50
C LEU A 183 -3.43 -18.91 -9.78
N GLU A 184 -4.31 -19.09 -8.78
CA GLU A 184 -5.65 -19.71 -8.98
C GLU A 184 -6.67 -18.73 -9.55
N VAL A 185 -7.01 -17.69 -8.78
CA VAL A 185 -8.07 -16.72 -9.18
C VAL A 185 -7.67 -15.79 -10.35
CD CD B . 15.17 -10.40 15.01
CD CD C . 20.05 -2.34 21.50
#